data_4XI1
#
_entry.id   4XI1
#
_cell.length_a   160.227
_cell.length_b   160.227
_cell.length_c   160.227
_cell.angle_alpha   90.00
_cell.angle_beta   90.00
_cell.angle_gamma   90.00
#
_symmetry.space_group_name_H-M   'P 4 3 2'
#
loop_
_entity.id
_entity.type
_entity.pdbx_description
1 polymer 'E3 ubiquitin-protein ligase LubX'
2 non-polymer 'CHLORIDE ION'
3 non-polymer HEXANE-1,6-DIOL
4 non-polymer GLYCEROL
5 water water
#
_entity_poly.entity_id   1
_entity_poly.type   'polypeptide(L)'
_entity_poly.pdbx_seq_one_letter_code
;NYEKLKNRLVQNARVAARQKEYTEIPDIFLCPISKTLIKTPVITAQGKVYDQEALSNFLIATGNKDETGKKLSIDDVVVF
DELYQQIKVYNFYRKREVQKN
;
_entity_poly.pdbx_strand_id   A,B,C
#
loop_
_chem_comp.id
_chem_comp.type
_chem_comp.name
_chem_comp.formula
CL non-polymer 'CHLORIDE ION' 'Cl -1'
GOL non-polymer GLYCEROL 'C3 H8 O3'
HEZ non-polymer HEXANE-1,6-DIOL 'C6 H14 O2'
#
# COMPACT_ATOMS: atom_id res chain seq x y z
N TYR A 22 8.43 20.47 -14.76
CA TYR A 22 7.72 20.39 -13.49
C TYR A 22 8.65 20.27 -12.29
N THR A 23 8.90 21.39 -11.61
CA THR A 23 9.58 21.37 -10.32
C THR A 23 8.59 20.99 -9.20
N GLU A 24 7.30 21.03 -9.54
CA GLU A 24 6.21 20.77 -8.61
C GLU A 24 6.23 19.33 -8.08
N ILE A 25 5.88 19.18 -6.80
CA ILE A 25 5.76 17.88 -6.17
C ILE A 25 4.66 17.05 -6.79
N PRO A 26 4.95 15.78 -7.11
CA PRO A 26 3.90 14.91 -7.67
C PRO A 26 2.72 14.81 -6.71
N ASP A 27 1.51 14.85 -7.26
CA ASP A 27 0.31 15.03 -6.45
C ASP A 27 0.09 13.87 -5.47
N ILE A 28 0.46 12.65 -5.89
CA ILE A 28 0.36 11.47 -5.05
C ILE A 28 1.22 11.54 -3.78
N PHE A 29 2.25 12.37 -3.82
CA PHE A 29 3.11 12.60 -2.65
C PHE A 29 2.65 13.78 -1.81
N LEU A 30 1.50 14.38 -2.16
CA LEU A 30 0.98 15.53 -1.41
C LEU A 30 0.03 15.12 -0.28
N CYS A 31 0.28 15.67 0.90
CA CYS A 31 -0.64 15.53 2.02
C CYS A 31 -1.77 16.55 1.91
N PRO A 32 -3.02 16.07 1.98
CA PRO A 32 -4.22 16.93 1.92
C PRO A 32 -4.23 18.02 2.99
N ILE A 33 -3.46 17.83 4.06
CA ILE A 33 -3.46 18.73 5.21
C ILE A 33 -2.27 19.69 5.26
N SER A 34 -1.06 19.14 5.21
CA SER A 34 0.15 19.96 5.21
C SER A 34 0.29 20.68 3.89
N LYS A 35 -0.34 20.13 2.85
CA LYS A 35 -0.38 20.72 1.51
C LYS A 35 1.02 20.84 0.89
N THR A 36 1.98 20.06 1.41
CA THR A 36 3.25 19.82 0.73
C THR A 36 3.61 18.34 0.71
N LEU A 37 4.91 18.10 0.59
CA LEU A 37 5.49 16.76 0.53
C LEU A 37 5.24 15.99 1.82
N ILE A 38 4.90 14.72 1.65
CA ILE A 38 4.73 13.79 2.76
C ILE A 38 6.08 13.28 3.28
N LYS A 39 6.27 13.31 4.59
CA LYS A 39 7.48 12.74 5.18
C LYS A 39 7.29 11.25 5.49
N THR A 40 6.09 10.86 5.89
CA THR A 40 5.78 9.48 6.18
C THR A 40 4.32 9.19 5.88
N PRO A 41 4.07 8.43 4.80
CA PRO A 41 2.67 8.23 4.40
C PRO A 41 1.94 7.27 5.32
N VAL A 42 0.78 7.70 5.79
CA VAL A 42 -0.16 6.82 6.47
C VAL A 42 -1.39 6.73 5.60
N ILE A 43 -2.04 5.58 5.63
CA ILE A 43 -3.26 5.37 4.87
C ILE A 43 -4.44 4.96 5.76
N THR A 44 -5.57 5.63 5.60
CA THR A 44 -6.77 5.34 6.37
C THR A 44 -7.50 4.09 5.87
N ALA A 45 -8.53 3.65 6.60
CA ALA A 45 -9.27 2.47 6.16
C ALA A 45 -10.09 2.79 4.91
N GLN A 46 -10.36 4.08 4.73
CA GLN A 46 -11.11 4.57 3.58
C GLN A 46 -10.19 4.60 2.36
N GLY A 47 -8.90 4.41 2.62
CA GLY A 47 -7.88 4.37 1.58
C GLY A 47 -7.29 5.73 1.26
N LYS A 48 -7.56 6.73 2.11
CA LYS A 48 -6.98 8.08 1.96
C LYS A 48 -5.57 8.18 2.55
N VAL A 49 -4.73 8.99 1.91
CA VAL A 49 -3.32 9.08 2.30
C VAL A 49 -2.93 10.46 2.83
N TYR A 50 -2.41 10.49 4.06
CA TYR A 50 -1.90 11.73 4.67
C TYR A 50 -0.45 11.56 5.12
N ASP A 51 0.21 12.67 5.49
CA ASP A 51 1.47 12.60 6.22
C ASP A 51 1.14 12.35 7.68
N GLN A 52 1.87 11.44 8.30
CA GLN A 52 1.64 11.03 9.67
C GLN A 52 1.54 12.19 10.65
N GLU A 53 2.61 12.98 10.73
CA GLU A 53 2.70 14.03 11.74
C GLU A 53 1.68 15.15 11.49
N ALA A 54 1.40 15.40 10.22
CA ALA A 54 0.42 16.41 9.85
C ALA A 54 -0.96 15.97 10.33
N LEU A 55 -1.30 14.71 10.06
CA LEU A 55 -2.60 14.15 10.42
C LEU A 55 -2.79 14.08 11.94
N SER A 56 -1.78 13.55 12.63
CA SER A 56 -1.80 13.48 14.09
C SER A 56 -2.18 14.79 14.71
N ASN A 57 -1.34 15.79 14.41
CA ASN A 57 -1.51 17.13 14.92
C ASN A 57 -2.83 17.75 14.50
N PHE A 58 -3.18 17.59 13.22
CA PHE A 58 -4.45 18.13 12.72
C PHE A 58 -5.63 17.51 13.47
N LEU A 59 -5.61 16.20 13.63
CA LEU A 59 -6.70 15.49 14.31
C LEU A 59 -6.86 15.92 15.76
N ILE A 60 -5.76 16.35 16.37
CA ILE A 60 -5.85 16.87 17.74
C ILE A 60 -6.60 18.20 17.76
N ALA A 61 -6.41 19.02 16.72
CA ALA A 61 -6.99 20.36 16.65
C ALA A 61 -8.49 20.36 16.41
N THR A 62 -8.97 19.37 15.64
CA THR A 62 -10.39 19.24 15.32
C THR A 62 -11.10 18.26 16.26
N GLY A 63 -10.32 17.40 16.91
CA GLY A 63 -10.86 16.44 17.85
C GLY A 63 -11.35 15.18 17.16
N ASN A 64 -10.45 14.56 16.41
CA ASN A 64 -10.70 13.35 15.62
C ASN A 64 -11.75 13.55 14.54
N LYS A 65 -11.68 14.69 13.85
CA LYS A 65 -12.42 14.91 12.60
C LYS A 65 -11.42 15.22 11.50
N ASP A 66 -11.57 14.64 10.32
CA ASP A 66 -10.60 14.93 9.28
C ASP A 66 -11.02 16.21 8.55
N GLU A 67 -10.36 16.50 7.43
CA GLU A 67 -10.48 17.81 6.79
C GLU A 67 -11.82 17.97 6.06
N THR A 68 -12.68 16.96 6.13
CA THR A 68 -14.04 17.08 5.63
C THR A 68 -15.04 16.79 6.74
N GLY A 69 -14.55 16.82 7.98
CA GLY A 69 -15.41 16.74 9.13
C GLY A 69 -15.95 15.37 9.47
N LYS A 70 -15.41 14.33 8.83
CA LYS A 70 -15.77 12.95 9.20
C LYS A 70 -14.88 12.46 10.34
N LYS A 71 -15.43 11.54 11.12
CA LYS A 71 -14.71 10.98 12.27
C LYS A 71 -13.43 10.31 11.80
N LEU A 72 -12.33 10.52 12.54
CA LEU A 72 -11.09 9.81 12.25
C LEU A 72 -10.09 9.82 13.42
N SER A 73 -9.58 8.64 13.77
CA SER A 73 -8.55 8.52 14.81
C SER A 73 -7.18 8.17 14.22
N ILE A 74 -6.11 8.64 14.84
CA ILE A 74 -4.74 8.33 14.36
C ILE A 74 -4.35 6.86 14.65
N ASP A 75 -5.22 6.15 15.37
CA ASP A 75 -4.99 4.77 15.77
C ASP A 75 -5.49 3.78 14.72
N ASP A 76 -6.20 4.30 13.72
CA ASP A 76 -6.84 3.48 12.71
C ASP A 76 -6.21 3.70 11.35
N VAL A 77 -4.94 4.10 11.38
CA VAL A 77 -4.13 4.24 10.20
C VAL A 77 -2.89 3.38 10.34
N VAL A 78 -2.35 2.96 9.20
CA VAL A 78 -1.09 2.24 9.14
C VAL A 78 -0.15 3.04 8.24
N VAL A 79 1.15 2.82 8.40
CA VAL A 79 2.12 3.36 7.45
C VAL A 79 1.95 2.68 6.09
N PHE A 80 1.97 3.48 5.04
CA PHE A 80 1.85 2.98 3.67
C PHE A 80 3.27 2.69 3.12
N ASP A 81 3.71 1.44 3.27
CA ASP A 81 5.11 1.08 3.05
C ASP A 81 5.57 1.27 1.61
N GLU A 82 4.81 0.73 0.67
CA GLU A 82 5.11 0.92 -0.75
C GLU A 82 5.28 2.42 -1.09
N LEU A 83 4.34 3.26 -0.69
CA LEU A 83 4.40 4.67 -1.02
C LEU A 83 5.53 5.38 -0.27
N TYR A 84 5.79 4.99 0.96
CA TYR A 84 6.94 5.52 1.69
C TYR A 84 8.18 5.31 0.84
N GLN A 85 8.26 4.12 0.27
CA GLN A 85 9.41 3.73 -0.52
C GLN A 85 9.52 4.59 -1.77
N GLN A 86 8.38 4.90 -2.38
CA GLN A 86 8.37 5.66 -3.62
C GLN A 86 8.77 7.09 -3.34
N ILE A 87 8.45 7.53 -2.14
CA ILE A 87 8.77 8.88 -1.71
C ILE A 87 10.27 9.03 -1.52
N LYS A 88 10.89 8.04 -0.87
CA LYS A 88 12.35 7.99 -0.73
C LYS A 88 13.05 8.12 -2.08
N VAL A 89 12.52 7.43 -3.08
CA VAL A 89 13.07 7.51 -4.42
C VAL A 89 12.86 8.90 -5.04
N TYR A 90 11.68 9.46 -4.86
CA TYR A 90 11.43 10.82 -5.31
C TYR A 90 12.46 11.74 -4.70
N ASN A 91 12.65 11.58 -3.39
CA ASN A 91 13.58 12.39 -2.63
C ASN A 91 15.01 12.27 -3.16
N PHE A 92 15.36 11.10 -3.69
CA PHE A 92 16.68 10.92 -4.26
C PHE A 92 16.81 11.78 -5.51
N TYR A 93 15.82 11.68 -6.39
CA TYR A 93 15.83 12.45 -7.62
C TYR A 93 15.72 13.95 -7.34
N ARG A 94 14.87 14.31 -6.38
CA ARG A 94 14.71 15.71 -6.00
C ARG A 94 16.02 16.31 -5.47
N LYS A 95 16.53 15.79 -4.35
CA LYS A 95 17.69 16.35 -3.66
C LYS A 95 19.00 16.19 -4.44
N ARG A 96 18.89 15.66 -5.65
CA ARG A 96 20.02 15.53 -6.56
C ARG A 96 20.35 16.87 -7.16
N GLU A 97 19.29 17.57 -7.57
CA GLU A 97 19.37 18.88 -8.21
C GLU A 97 19.81 19.96 -7.22
N THR B 23 -15.48 -2.93 2.53
CA THR B 23 -16.27 -3.18 1.32
C THR B 23 -16.08 -2.04 0.29
N GLU B 24 -15.90 -0.82 0.80
CA GLU B 24 -15.60 0.36 -0.03
C GLU B 24 -14.32 0.21 -0.86
N ILE B 25 -14.32 0.81 -2.03
CA ILE B 25 -13.12 0.86 -2.84
C ILE B 25 -12.13 1.83 -2.22
N PRO B 26 -10.91 1.36 -1.95
CA PRO B 26 -9.90 2.26 -1.40
C PRO B 26 -9.73 3.46 -2.30
N ASP B 27 -9.76 4.63 -1.70
CA ASP B 27 -9.75 5.89 -2.41
C ASP B 27 -8.62 5.95 -3.45
N ILE B 28 -7.45 5.44 -3.08
CA ILE B 28 -6.28 5.44 -3.98
C ILE B 28 -6.57 4.73 -5.30
N PHE B 29 -7.52 3.81 -5.29
CA PHE B 29 -7.85 3.01 -6.47
C PHE B 29 -9.03 3.58 -7.26
N LEU B 30 -9.53 4.75 -6.85
CA LEU B 30 -10.64 5.43 -7.53
C LEU B 30 -10.17 6.46 -8.55
N CYS B 31 -10.82 6.46 -9.71
CA CYS B 31 -10.57 7.45 -10.73
C CYS B 31 -11.42 8.68 -10.51
N PRO B 32 -10.80 9.87 -10.57
CA PRO B 32 -11.50 11.12 -10.31
C PRO B 32 -12.54 11.42 -11.37
N ILE B 33 -12.37 10.84 -12.56
CA ILE B 33 -13.28 11.01 -13.68
C ILE B 33 -14.38 9.96 -13.70
N SER B 34 -13.97 8.69 -13.65
CA SER B 34 -14.94 7.61 -13.79
C SER B 34 -15.68 7.43 -12.49
N LYS B 35 -15.13 8.04 -11.44
CA LYS B 35 -15.70 7.94 -10.09
C LYS B 35 -15.85 6.49 -9.64
N THR B 36 -14.97 5.62 -10.10
CA THR B 36 -15.07 4.22 -9.79
C THR B 36 -13.71 3.54 -9.91
N LEU B 37 -13.67 2.24 -9.64
CA LEU B 37 -12.44 1.47 -9.65
C LEU B 37 -11.65 1.65 -10.95
N ILE B 38 -10.44 2.15 -10.79
CA ILE B 38 -9.49 2.21 -11.89
C ILE B 38 -9.26 0.83 -12.50
N LYS B 39 -9.33 0.73 -13.82
CA LYS B 39 -9.03 -0.54 -14.49
C LYS B 39 -7.54 -0.58 -14.84
N THR B 40 -7.06 0.47 -15.50
CA THR B 40 -5.63 0.65 -15.79
C THR B 40 -5.19 2.04 -15.35
N PRO B 41 -4.29 2.11 -14.35
CA PRO B 41 -3.91 3.42 -13.81
C PRO B 41 -2.86 4.11 -14.64
N VAL B 42 -3.14 5.37 -14.98
CA VAL B 42 -2.13 6.18 -15.66
C VAL B 42 -1.83 7.39 -14.80
N ILE B 43 -0.63 7.94 -15.00
CA ILE B 43 -0.17 9.02 -14.15
C ILE B 43 0.40 10.15 -15.01
N THR B 44 0.02 11.39 -14.69
CA THR B 44 0.41 12.54 -15.48
C THR B 44 1.68 13.20 -14.95
N ALA B 45 2.14 14.23 -15.64
CA ALA B 45 3.36 14.89 -15.21
C ALA B 45 3.16 15.54 -13.84
N GLN B 46 1.94 16.01 -13.59
CA GLN B 46 1.57 16.58 -12.30
C GLN B 46 1.52 15.53 -11.22
N GLY B 47 1.56 14.26 -11.63
CA GLY B 47 1.52 13.17 -10.69
C GLY B 47 0.11 12.85 -10.21
N LYS B 48 -0.89 13.17 -11.04
CA LYS B 48 -2.27 12.79 -10.76
C LYS B 48 -2.63 11.45 -11.44
N VAL B 49 -3.49 10.67 -10.80
CA VAL B 49 -3.76 9.31 -11.27
C VAL B 49 -5.20 9.08 -11.74
N TYR B 50 -5.35 8.55 -12.94
CA TYR B 50 -6.65 8.32 -13.58
C TYR B 50 -6.77 6.96 -14.21
N ASP B 51 -8.01 6.51 -14.43
CA ASP B 51 -8.23 5.35 -15.28
C ASP B 51 -7.92 5.75 -16.72
N GLN B 52 -7.16 4.91 -17.40
CA GLN B 52 -6.71 5.16 -18.76
C GLN B 52 -7.84 5.43 -19.75
N GLU B 53 -8.86 4.58 -19.79
CA GLU B 53 -9.92 4.79 -20.77
C GLU B 53 -10.74 6.02 -20.42
N ALA B 54 -11.02 6.20 -19.13
CA ALA B 54 -11.71 7.40 -18.69
C ALA B 54 -10.97 8.65 -19.15
N LEU B 55 -9.69 8.74 -18.79
CA LEU B 55 -8.92 9.96 -19.09
C LEU B 55 -8.79 10.24 -20.59
N SER B 56 -8.71 9.18 -21.39
CA SER B 56 -8.57 9.37 -22.84
C SER B 56 -9.78 10.06 -23.41
N ASN B 57 -10.95 9.50 -23.12
CA ASN B 57 -12.22 10.10 -23.53
C ASN B 57 -12.46 11.50 -22.95
N PHE B 58 -12.05 11.70 -21.70
CA PHE B 58 -12.12 13.02 -21.09
C PHE B 58 -11.33 14.04 -21.91
N LEU B 59 -10.10 13.69 -22.28
CA LEU B 59 -9.21 14.63 -22.95
C LEU B 59 -9.73 14.98 -24.34
N ILE B 60 -10.46 14.05 -24.96
CA ILE B 60 -11.12 14.34 -26.22
C ILE B 60 -12.22 15.39 -26.03
N ALA B 61 -13.05 15.20 -25.01
CA ALA B 61 -14.15 16.12 -24.74
C ALA B 61 -13.65 17.55 -24.50
N THR B 62 -12.51 17.67 -23.82
CA THR B 62 -11.99 18.97 -23.44
C THR B 62 -10.93 19.48 -24.41
N GLY B 63 -10.56 18.66 -25.38
CA GLY B 63 -9.59 19.05 -26.38
C GLY B 63 -8.19 19.11 -25.81
N ASN B 64 -7.81 18.04 -25.10
CA ASN B 64 -6.54 17.96 -24.38
C ASN B 64 -6.35 19.07 -23.37
N LYS B 65 -7.25 19.18 -22.41
CA LYS B 65 -7.10 20.21 -21.40
C LYS B 65 -7.36 19.61 -20.03
N ASP B 66 -6.45 19.87 -19.09
CA ASP B 66 -6.61 19.41 -17.72
C ASP B 66 -7.81 20.10 -17.12
N GLU B 67 -8.48 19.42 -16.19
CA GLU B 67 -9.67 19.98 -15.56
C GLU B 67 -9.40 21.36 -14.97
N THR B 68 -8.25 21.51 -14.31
CA THR B 68 -7.85 22.77 -13.71
C THR B 68 -7.74 23.89 -14.74
N GLY B 69 -7.32 23.53 -15.96
CA GLY B 69 -7.23 24.49 -17.05
C GLY B 69 -5.92 24.40 -17.82
N LYS B 70 -5.00 23.57 -17.34
CA LYS B 70 -3.70 23.41 -18.01
C LYS B 70 -3.83 22.44 -19.17
N LYS B 71 -2.97 22.50 -20.15
CA LYS B 71 -3.11 21.54 -21.22
C LYS B 71 -2.74 20.15 -20.71
N LEU B 72 -3.08 19.12 -21.46
CA LEU B 72 -2.73 17.74 -21.12
C LEU B 72 -3.09 16.79 -22.25
N SER B 73 -2.09 16.16 -22.84
CA SER B 73 -2.30 15.16 -23.88
C SER B 73 -2.17 13.72 -23.34
N ILE B 74 -2.72 12.75 -24.07
CA ILE B 74 -2.65 11.34 -23.66
C ILE B 74 -1.28 10.73 -24.02
N ASP B 75 -0.48 11.45 -24.79
CA ASP B 75 0.86 10.99 -25.16
C ASP B 75 1.89 11.38 -24.11
N ASP B 76 1.44 12.14 -23.11
CA ASP B 76 2.33 12.70 -22.09
C ASP B 76 1.98 12.12 -20.73
N VAL B 77 1.51 10.88 -20.75
CA VAL B 77 1.05 10.21 -19.54
C VAL B 77 1.37 8.74 -19.67
N VAL B 78 1.92 8.17 -18.60
CA VAL B 78 2.36 6.78 -18.64
C VAL B 78 1.56 5.90 -17.68
N VAL B 79 1.56 4.60 -17.94
CA VAL B 79 0.96 3.64 -17.03
C VAL B 79 1.72 3.54 -15.71
N PHE B 80 0.97 3.69 -14.62
CA PHE B 80 1.50 3.64 -13.28
C PHE B 80 1.61 2.18 -12.87
N ASP B 81 2.80 1.64 -13.06
CA ASP B 81 3.01 0.20 -12.95
C ASP B 81 2.83 -0.31 -11.51
N GLU B 82 3.46 0.35 -10.55
CA GLU B 82 3.35 0.00 -9.13
C GLU B 82 1.90 -0.06 -8.69
N LEU B 83 1.12 0.96 -9.05
CA LEU B 83 -0.28 1.01 -8.68
C LEU B 83 -1.11 -0.06 -9.36
N TYR B 84 -0.83 -0.31 -10.63
CA TYR B 84 -1.50 -1.36 -11.36
C TYR B 84 -1.39 -2.67 -10.62
N GLN B 85 -0.20 -2.96 -10.10
CA GLN B 85 0.05 -4.14 -9.27
C GLN B 85 -0.89 -4.17 -8.08
N GLN B 86 -0.91 -3.05 -7.36
CA GLN B 86 -1.65 -2.94 -6.13
C GLN B 86 -3.10 -3.25 -6.38
N ILE B 87 -3.57 -2.77 -7.52
CA ILE B 87 -4.94 -2.95 -7.95
C ILE B 87 -5.23 -4.42 -8.25
N LYS B 88 -4.27 -5.12 -8.85
CA LYS B 88 -4.42 -6.56 -9.11
C LYS B 88 -4.50 -7.35 -7.80
N VAL B 89 -3.65 -6.98 -6.85
CA VAL B 89 -3.71 -7.59 -5.54
C VAL B 89 -5.06 -7.31 -4.88
N TYR B 90 -5.51 -6.07 -4.95
CA TYR B 90 -6.83 -5.72 -4.43
C TYR B 90 -7.95 -6.55 -5.07
N ASN B 91 -7.89 -6.72 -6.38
CA ASN B 91 -8.89 -7.54 -7.05
C ASN B 91 -8.81 -8.99 -6.60
N PHE B 92 -7.60 -9.49 -6.37
CA PHE B 92 -7.47 -10.82 -5.80
C PHE B 92 -8.23 -10.91 -4.49
N TYR B 93 -8.04 -9.94 -3.62
CA TYR B 93 -8.66 -9.99 -2.30
C TYR B 93 -10.16 -9.75 -2.38
N ARG B 94 -10.57 -9.04 -3.42
CA ARG B 94 -11.97 -8.69 -3.60
C ARG B 94 -12.79 -9.86 -4.16
N LYS B 95 -12.29 -10.43 -5.25
CA LYS B 95 -12.94 -11.54 -5.90
C LYS B 95 -12.85 -12.83 -5.08
N ARG B 96 -11.94 -12.84 -4.12
CA ARG B 96 -11.66 -14.00 -3.28
C ARG B 96 -12.81 -14.22 -2.29
N GLU B 97 -13.61 -13.19 -2.08
CA GLU B 97 -14.73 -13.24 -1.14
C GLU B 97 -15.88 -14.13 -1.59
N TYR C 22 -14.30 -16.44 0.52
CA TYR C 22 -13.31 -16.86 1.52
C TYR C 22 -12.98 -15.73 2.48
N THR C 23 -13.24 -15.94 3.75
CA THR C 23 -12.75 -15.06 4.80
C THR C 23 -11.43 -15.62 5.31
N GLU C 24 -11.10 -16.83 4.85
CA GLU C 24 -9.97 -17.58 5.36
C GLU C 24 -8.62 -16.97 5.08
N ILE C 25 -7.60 -17.43 5.80
CA ILE C 25 -6.25 -16.94 5.61
C ILE C 25 -5.70 -17.63 4.39
N PRO C 26 -5.16 -16.85 3.43
CA PRO C 26 -4.50 -17.44 2.26
C PRO C 26 -3.31 -18.33 2.67
N ASP C 27 -3.20 -19.48 2.03
CA ASP C 27 -2.24 -20.51 2.42
C ASP C 27 -0.82 -20.01 2.53
N ILE C 28 -0.46 -19.08 1.65
CA ILE C 28 0.88 -18.52 1.61
C ILE C 28 1.20 -17.69 2.86
N PHE C 29 0.18 -17.40 3.67
CA PHE C 29 0.37 -16.65 4.91
C PHE C 29 0.22 -17.52 6.17
N LEU C 30 0.16 -18.84 5.98
CA LEU C 30 -0.01 -19.73 7.12
C LEU C 30 1.30 -20.33 7.58
N CYS C 31 1.46 -20.45 8.90
CA CYS C 31 2.62 -21.12 9.47
C CYS C 31 2.27 -22.57 9.81
N PRO C 32 3.11 -23.51 9.37
CA PRO C 32 2.98 -24.96 9.61
C PRO C 32 2.97 -25.34 11.10
N ILE C 33 3.52 -24.48 11.94
CA ILE C 33 3.63 -24.74 13.36
C ILE C 33 2.54 -23.99 14.15
N SER C 34 2.36 -22.71 13.87
CA SER C 34 1.37 -21.89 14.57
C SER C 34 -0.01 -22.16 13.99
N LYS C 35 -0.04 -22.70 12.78
CA LYS C 35 -1.27 -23.10 12.11
C LYS C 35 -2.26 -21.93 12.05
N THR C 36 -1.70 -20.75 11.83
CA THR C 36 -2.46 -19.51 11.75
C THR C 36 -1.63 -18.45 11.04
N LEU C 37 -2.16 -17.24 11.03
CA LEU C 37 -1.59 -16.17 10.24
C LEU C 37 -0.21 -15.83 10.76
N ILE C 38 0.73 -15.79 9.84
CA ILE C 38 2.10 -15.41 10.14
C ILE C 38 2.15 -13.94 10.59
N LYS C 39 3.02 -13.68 11.57
CA LYS C 39 3.33 -12.34 12.04
C LYS C 39 4.57 -11.83 11.29
N THR C 40 5.66 -12.55 11.42
CA THR C 40 6.88 -12.27 10.66
C THR C 40 7.35 -13.54 9.98
N PRO C 41 7.36 -13.55 8.64
CA PRO C 41 7.79 -14.73 7.86
C PRO C 41 9.29 -14.96 7.81
N VAL C 42 9.72 -16.17 8.19
CA VAL C 42 11.07 -16.59 7.88
C VAL C 42 11.04 -17.79 6.92
N ILE C 43 12.15 -17.96 6.19
CA ILE C 43 12.27 -19.01 5.18
C ILE C 43 13.54 -19.87 5.40
N THR C 44 13.37 -21.20 5.37
CA THR C 44 14.51 -22.11 5.58
C THR C 44 15.30 -22.37 4.29
N ALA C 45 16.40 -23.09 4.41
CA ALA C 45 17.28 -23.27 3.26
C ALA C 45 16.63 -24.12 2.19
N GLN C 46 15.55 -24.82 2.54
CA GLN C 46 14.86 -25.61 1.52
C GLN C 46 13.70 -24.80 0.96
N GLY C 47 13.57 -23.57 1.46
CA GLY C 47 12.62 -22.61 0.91
C GLY C 47 11.24 -22.80 1.48
N LYS C 48 11.21 -23.28 2.72
CA LYS C 48 9.97 -23.53 3.45
C LYS C 48 9.74 -22.42 4.46
N VAL C 49 8.50 -21.97 4.54
CA VAL C 49 8.16 -20.73 5.24
C VAL C 49 7.46 -21.01 6.55
N TYR C 50 7.88 -20.30 7.59
CA TYR C 50 7.29 -20.37 8.94
C TYR C 50 7.12 -18.99 9.54
N ASP C 51 6.26 -18.87 10.56
CA ASP C 51 6.31 -17.69 11.43
C ASP C 51 7.60 -17.72 12.28
N GLN C 52 8.20 -16.55 12.43
CA GLN C 52 9.48 -16.40 13.11
C GLN C 52 9.43 -16.74 14.57
N GLU C 53 8.45 -16.18 15.29
CA GLU C 53 8.37 -16.44 16.72
C GLU C 53 7.99 -17.88 16.96
N ALA C 54 7.08 -18.41 16.14
CA ALA C 54 6.63 -19.79 16.29
C ALA C 54 7.78 -20.77 16.14
N LEU C 55 8.57 -20.58 15.08
CA LEU C 55 9.62 -21.51 14.76
C LEU C 55 10.78 -21.45 15.75
N SER C 56 11.12 -20.25 16.22
CA SER C 56 12.18 -20.11 17.22
C SER C 56 11.90 -20.93 18.44
N ASN C 57 10.70 -20.71 18.99
CA ASN C 57 10.26 -21.37 20.18
C ASN C 57 10.18 -22.87 20.03
N PHE C 58 9.60 -23.30 18.91
CA PHE C 58 9.45 -24.71 18.62
C PHE C 58 10.85 -25.37 18.57
N LEU C 59 11.81 -24.72 17.91
CA LEU C 59 13.13 -25.34 17.74
C LEU C 59 13.84 -25.44 19.07
N ILE C 60 13.58 -24.47 19.94
CA ILE C 60 14.13 -24.48 21.28
C ILE C 60 13.54 -25.65 22.07
N ALA C 61 12.24 -25.85 21.87
CA ALA C 61 11.49 -26.87 22.58
C ALA C 61 11.87 -28.30 22.17
N THR C 62 11.94 -28.56 20.86
CA THR C 62 12.19 -29.91 20.34
C THR C 62 13.67 -30.26 20.29
N GLY C 63 14.51 -29.26 20.57
CA GLY C 63 15.94 -29.46 20.52
C GLY C 63 16.43 -29.39 19.10
N ASN C 64 15.97 -28.38 18.38
CA ASN C 64 16.31 -28.11 16.98
C ASN C 64 15.84 -29.19 16.02
N LYS C 65 14.59 -29.62 16.20
CA LYS C 65 13.90 -30.43 15.22
C LYS C 65 12.68 -29.68 14.73
N ASP C 66 12.51 -29.57 13.41
CA ASP C 66 11.30 -28.95 12.90
C ASP C 66 10.13 -29.90 13.12
N GLU C 67 8.95 -29.48 12.68
CA GLU C 67 7.71 -30.17 13.01
C GLU C 67 7.56 -31.52 12.32
N THR C 68 8.50 -31.85 11.44
CA THR C 68 8.49 -33.12 10.71
C THR C 68 9.62 -34.03 11.21
N GLY C 69 10.33 -33.56 12.23
CA GLY C 69 11.39 -34.31 12.83
C GLY C 69 12.77 -34.07 12.23
N LYS C 70 12.88 -33.17 11.25
CA LYS C 70 14.15 -32.91 10.56
C LYS C 70 14.98 -31.85 11.30
N LYS C 71 16.29 -32.03 11.35
CA LYS C 71 17.13 -31.10 12.07
C LYS C 71 17.18 -29.74 11.42
N LEU C 72 16.89 -28.73 12.21
CA LEU C 72 16.89 -27.34 11.73
C LEU C 72 17.34 -26.39 12.84
N SER C 73 18.28 -25.51 12.52
CA SER C 73 18.68 -24.47 13.46
C SER C 73 18.14 -23.11 13.01
N ILE C 74 17.87 -22.22 13.94
CA ILE C 74 17.24 -21.00 13.49
C ILE C 74 18.30 -20.06 12.96
N ASP C 75 19.55 -20.41 13.20
CA ASP C 75 20.66 -19.66 12.64
C ASP C 75 20.76 -19.84 11.12
N ASP C 76 20.11 -20.88 10.59
CA ASP C 76 20.10 -21.17 9.14
C ASP C 76 18.85 -20.64 8.46
N VAL C 77 18.24 -19.64 9.09
CA VAL C 77 16.90 -19.16 8.74
C VAL C 77 16.92 -17.65 8.63
N VAL C 78 16.25 -17.11 7.63
CA VAL C 78 16.36 -15.69 7.37
C VAL C 78 14.96 -15.08 7.20
N VAL C 79 14.83 -13.78 7.42
CA VAL C 79 13.52 -13.13 7.31
C VAL C 79 13.17 -12.94 5.85
N PHE C 80 11.94 -13.29 5.51
CA PHE C 80 11.44 -13.31 4.16
C PHE C 80 10.74 -11.96 3.93
N ASP C 81 11.55 -10.98 3.50
CA ASP C 81 11.16 -9.58 3.52
C ASP C 81 10.04 -9.28 2.59
N GLU C 82 10.17 -9.81 1.39
CA GLU C 82 9.15 -9.70 0.37
C GLU C 82 7.74 -10.20 0.83
N LEU C 83 7.67 -11.40 1.39
CA LEU C 83 6.41 -11.93 1.88
C LEU C 83 5.88 -11.14 3.07
N TYR C 84 6.79 -10.65 3.90
CA TYR C 84 6.44 -9.86 5.07
C TYR C 84 5.62 -8.67 4.64
N GLN C 85 6.06 -8.06 3.53
CA GLN C 85 5.36 -6.95 2.91
C GLN C 85 3.96 -7.31 2.50
N GLN C 86 3.82 -8.50 1.91
CA GLN C 86 2.53 -8.96 1.41
C GLN C 86 1.58 -9.22 2.56
N ILE C 87 2.12 -9.68 3.68
CA ILE C 87 1.33 -9.92 4.86
C ILE C 87 0.83 -8.59 5.47
N LYS C 88 1.71 -7.60 5.58
CA LYS C 88 1.34 -6.25 6.04
C LYS C 88 0.19 -5.69 5.22
N VAL C 89 0.16 -6.03 3.94
CA VAL C 89 -0.86 -5.51 3.05
C VAL C 89 -2.16 -6.27 3.25
N TYR C 90 -2.05 -7.60 3.29
CA TYR C 90 -3.16 -8.47 3.68
C TYR C 90 -3.84 -7.93 4.94
N ASN C 91 -3.04 -7.65 5.97
CA ASN C 91 -3.55 -7.09 7.21
C ASN C 91 -4.31 -5.77 7.01
N PHE C 92 -3.86 -4.93 6.09
CA PHE C 92 -4.62 -3.72 5.81
C PHE C 92 -6.05 -4.05 5.30
N TYR C 93 -6.16 -4.94 4.33
CA TYR C 93 -7.46 -5.25 3.72
C TYR C 93 -8.40 -5.95 4.68
N ARG C 94 -7.83 -6.66 5.65
CA ARG C 94 -8.59 -7.34 6.69
C ARG C 94 -9.21 -6.34 7.67
N LYS C 95 -8.35 -5.61 8.37
CA LYS C 95 -8.76 -4.69 9.43
C LYS C 95 -9.71 -3.55 9.01
N ARG C 96 -10.11 -3.51 7.75
CA ARG C 96 -10.96 -2.41 7.26
C ARG C 96 -12.41 -2.84 6.95
CL CL D . 0.87 4.21 -4.78
O1 HEZ E . 1.94 -1.03 3.16
C1 HEZ E . 1.05 -1.44 4.15
C2 HEZ E . -0.29 -0.80 4.04
C3 HEZ E . -1.10 -1.46 2.97
C4 HEZ E . -1.78 -0.42 2.11
C5 HEZ E . -2.63 -1.04 1.07
C6 HEZ E . -2.51 -0.33 -0.23
O6 HEZ E . -2.46 -1.19 -1.32
O1 HEZ F . -9.78 -11.52 2.12
C1 HEZ F . -9.96 -11.02 3.39
C2 HEZ F . -9.96 -9.51 3.35
C3 HEZ F . -11.06 -9.00 2.48
C4 HEZ F . -10.65 -7.75 1.79
C5 HEZ F . -11.67 -7.30 0.79
C6 HEZ F . -11.74 -5.80 0.79
O6 HEZ F . -12.62 -5.36 -0.19
O1 HEZ G . 7.19 7.38 -7.98
C1 HEZ G . 6.11 6.80 -8.63
C2 HEZ G . 5.71 7.55 -9.86
C3 HEZ G . 6.39 7.01 -11.06
C4 HEZ G . 5.44 6.33 -12.02
C5 HEZ G . 6.26 5.70 -13.12
C6 HEZ G . 5.45 4.74 -13.92
O6 HEZ G . 5.98 3.47 -13.86
C1 GOL H . -15.26 -7.72 -12.36
O1 GOL H . -15.56 -8.99 -11.84
C2 GOL H . -16.08 -6.65 -11.62
O2 GOL H . -16.56 -7.20 -10.40
C3 GOL H . -15.21 -5.39 -11.38
O3 GOL H . -15.96 -4.29 -10.92
O1 HEZ I . -0.88 -11.51 -1.63
C1 HEZ I . -0.71 -11.56 -2.99
C2 HEZ I . -1.94 -12.15 -3.59
C3 HEZ I . -1.75 -12.32 -5.06
C4 HEZ I . -2.41 -11.23 -5.83
C5 HEZ I . -2.05 -11.34 -7.27
C6 HEZ I . -0.65 -10.87 -7.48
O6 HEZ I . -0.56 -10.34 -8.75
CL CL J . 5.82 -14.95 -2.07
O1 HEZ K . 6.76 -23.58 1.89
C1 HEZ K . 6.19 -22.81 0.89
C2 HEZ K . 4.88 -23.40 0.47
C3 HEZ K . 3.89 -22.33 0.17
C4 HEZ K . 2.50 -22.87 0.25
C5 HEZ K . 1.55 -21.97 -0.46
C6 HEZ K . 0.51 -22.77 -1.19
O6 HEZ K . 0.95 -23.12 -2.45
#